data_4NJL
#
_entry.id   4NJL
#
_cell.length_a   43.510
_cell.length_b   43.510
_cell.length_c   129.633
_cell.angle_alpha   90.00
_cell.angle_beta   90.00
_cell.angle_gamma   120.00
#
_symmetry.space_group_name_H-M   'P 3 2 1'
#
loop_
_entity.id
_entity.type
_entity.pdbx_description
1 polymer 'S protein'
2 non-polymer 'TRIETHYLENE GLYCOL'
3 water water
#
_entity_poly.entity_id   1
_entity_poly.type   'polypeptide(L)'
_entity_poly.pdbx_seq_one_letter_code
;SGITQQVLSENQKLIANKFNQALGAMQTGFTTTNEAFQKVQDAVNNNAQALSKLASELSNTFGAISASIGDIIQRLDVLE
QSGGRGGSIPNFGSLTQINTTLLDLTYEMLSLQQVVKALNESYIDLKELGN
;
_entity_poly.pdbx_strand_id   A
#
# COMPACT_ATOMS: atom_id res chain seq x y z
N ILE A 3 -34.64 2.95 44.06
CA ILE A 3 -33.72 1.86 43.73
C ILE A 3 -34.19 0.53 44.33
N THR A 4 -34.90 -0.26 43.53
CA THR A 4 -35.29 -1.62 43.94
C THR A 4 -34.47 -2.65 43.18
N GLN A 5 -34.77 -3.93 43.38
CA GLN A 5 -34.07 -5.00 42.67
C GLN A 5 -34.53 -5.10 41.21
N GLN A 6 -35.81 -4.84 40.98
CA GLN A 6 -36.33 -4.81 39.61
C GLN A 6 -35.61 -3.74 38.83
N VAL A 7 -35.39 -2.61 39.48
CA VAL A 7 -34.69 -1.49 38.86
C VAL A 7 -33.23 -1.83 38.61
N LEU A 8 -32.62 -2.56 39.53
CA LEU A 8 -31.23 -2.99 39.39
C LEU A 8 -31.04 -3.89 38.17
N SER A 9 -31.91 -4.89 38.04
CA SER A 9 -31.81 -5.85 36.94
C SER A 9 -32.24 -5.22 35.61
N GLU A 10 -33.08 -4.20 35.68
CA GLU A 10 -33.49 -3.48 34.47
C GLU A 10 -32.38 -2.58 33.99
N ASN A 11 -31.63 -2.02 34.94
CA ASN A 11 -30.47 -1.20 34.62
C ASN A 11 -29.34 -2.05 34.07
N GLN A 12 -29.24 -3.29 34.56
CA GLN A 12 -28.26 -4.24 34.04
C GLN A 12 -28.52 -4.50 32.56
N LYS A 13 -29.79 -4.61 32.19
CA LYS A 13 -30.15 -4.81 30.79
C LYS A 13 -29.80 -3.58 29.95
N LEU A 14 -30.00 -2.39 30.51
CA LEU A 14 -29.64 -1.17 29.82
C LEU A 14 -28.14 -1.13 29.53
N ILE A 15 -27.35 -1.45 30.54
CA ILE A 15 -25.89 -1.47 30.39
C ILE A 15 -25.44 -2.52 29.37
N ALA A 16 -25.98 -3.72 29.49
CA ALA A 16 -25.66 -4.81 28.57
C ALA A 16 -26.01 -4.48 27.12
N ASN A 17 -27.19 -3.91 26.92
CA ASN A 17 -27.65 -3.55 25.58
C ASN A 17 -26.85 -2.42 24.95
N LYS A 18 -26.54 -1.40 25.76
CA LYS A 18 -25.68 -0.31 25.33
C LYS A 18 -24.30 -0.81 24.92
N PHE A 19 -23.78 -1.77 25.68
CA PHE A 19 -22.48 -2.36 25.40
C PHE A 19 -22.52 -3.21 24.12
N ASN A 20 -23.55 -4.04 23.99
CA ASN A 20 -23.74 -4.81 22.77
C ASN A 20 -23.92 -3.91 21.55
N GLN A 21 -24.56 -2.76 21.78
CA GLN A 21 -24.79 -1.77 20.73
C GLN A 21 -23.46 -1.20 20.25
N ALA A 22 -22.59 -0.87 21.20
CA ALA A 22 -21.28 -0.34 20.89
C ALA A 22 -20.41 -1.38 20.18
N LEU A 23 -20.50 -2.63 20.63
CA LEU A 23 -19.73 -3.72 20.03
C LEU A 23 -19.92 -3.83 18.52
N GLY A 24 -21.17 -3.81 18.07
CA GLY A 24 -21.48 -3.88 16.66
C GLY A 24 -20.82 -2.75 15.88
N ALA A 25 -20.74 -1.58 16.51
CA ALA A 25 -20.12 -0.41 15.89
C ALA A 25 -18.61 -0.59 15.78
N MET A 26 -18.01 -1.20 16.80
CA MET A 26 -16.57 -1.43 16.77
CA MET A 26 -16.57 -1.45 16.78
C MET A 26 -16.20 -2.37 15.63
N GLN A 27 -16.96 -3.48 15.52
CA GLN A 27 -16.73 -4.46 14.48
C GLN A 27 -16.80 -3.84 13.08
N THR A 28 -17.79 -2.97 12.88
CA THR A 28 -17.92 -2.26 11.62
C THR A 28 -16.70 -1.37 11.38
N GLY A 29 -16.27 -0.68 12.43
CA GLY A 29 -15.14 0.24 12.35
C GLY A 29 -13.85 -0.46 11.95
N PHE A 30 -13.56 -1.57 12.60
CA PHE A 30 -12.34 -2.31 12.33
C PHE A 30 -12.40 -3.11 11.04
N THR A 31 -13.60 -3.50 10.62
CA THR A 31 -13.78 -4.18 9.34
C THR A 31 -13.58 -3.19 8.20
N THR A 32 -14.17 -2.00 8.35
CA THR A 32 -14.02 -0.94 7.37
C THR A 32 -12.56 -0.45 7.30
N THR A 33 -11.93 -0.34 8.46
CA THR A 33 -10.51 0.03 8.51
C THR A 33 -9.67 -1.00 7.76
N ASN A 34 -10.01 -2.28 7.94
CA ASN A 34 -9.30 -3.36 7.28
C ASN A 34 -9.47 -3.33 5.76
N GLU A 35 -10.71 -3.10 5.32
CA GLU A 35 -11.00 -3.00 3.89
C GLU A 35 -10.26 -1.82 3.26
N ALA A 36 -10.09 -0.75 4.03
CA ALA A 36 -9.40 0.43 3.55
C ALA A 36 -7.90 0.19 3.39
N PHE A 37 -7.33 -0.52 4.35
CA PHE A 37 -5.91 -0.85 4.30
C PHE A 37 -5.56 -1.74 3.10
N GLN A 38 -6.48 -2.65 2.75
CA GLN A 38 -6.32 -3.50 1.59
C GLN A 38 -6.25 -2.69 0.30
N LYS A 39 -7.12 -1.69 0.20
CA LYS A 39 -7.16 -0.81 -0.97
C LYS A 39 -5.91 0.08 -1.02
N VAL A 40 -5.47 0.55 0.13
CA VAL A 40 -4.24 1.35 0.21
C VAL A 40 -3.02 0.54 -0.21
N GLN A 41 -2.90 -0.67 0.32
CA GLN A 41 -1.81 -1.58 -0.03
C GLN A 41 -1.76 -1.85 -1.53
N ASP A 42 -2.91 -2.12 -2.12
CA ASP A 42 -2.98 -2.42 -3.55
C ASP A 42 -2.65 -1.20 -4.41
N ALA A 43 -3.09 -0.02 -3.96
CA ALA A 43 -2.84 1.21 -4.69
C ALA A 43 -1.36 1.58 -4.67
N VAL A 44 -0.78 1.61 -3.47
CA VAL A 44 0.63 1.94 -3.28
C VAL A 44 1.53 0.99 -4.07
N ASN A 45 1.24 -0.31 -4.01
CA ASN A 45 2.05 -1.31 -4.70
C ASN A 45 1.94 -1.23 -6.22
N ASN A 46 0.73 -0.97 -6.72
CA ASN A 46 0.50 -0.85 -8.15
C ASN A 46 1.28 0.31 -8.78
N ASN A 47 1.31 1.43 -8.10
CA ASN A 47 1.99 2.63 -8.59
C ASN A 47 3.50 2.56 -8.41
N ALA A 48 3.95 1.69 -7.52
CA ALA A 48 5.38 1.47 -7.33
C ALA A 48 5.91 0.55 -8.42
N GLN A 49 5.07 -0.37 -8.86
CA GLN A 49 5.42 -1.30 -9.92
C GLN A 49 5.42 -0.58 -11.27
N ALA A 50 4.54 0.41 -11.40
CA ALA A 50 4.46 1.20 -12.62
C ALA A 50 5.69 2.10 -12.74
N LEU A 51 6.11 2.65 -11.61
CA LEU A 51 7.30 3.50 -11.56
C LEU A 51 8.55 2.68 -11.87
N SER A 52 8.63 1.49 -11.28
CA SER A 52 9.74 0.58 -11.50
C SER A 52 9.84 0.15 -12.97
N LYS A 53 8.67 -0.10 -13.58
CA LYS A 53 8.62 -0.52 -14.98
C LYS A 53 9.02 0.62 -15.91
N LEU A 54 8.49 1.81 -15.65
CA LEU A 54 8.82 2.99 -16.44
C LEU A 54 10.31 3.25 -16.43
N ALA A 55 10.90 3.19 -15.24
CA ALA A 55 12.33 3.46 -15.04
C ALA A 55 13.22 2.56 -15.89
N SER A 56 12.81 1.29 -16.02
CA SER A 56 13.55 0.33 -16.82
C SER A 56 13.39 0.60 -18.30
N GLU A 57 12.17 0.99 -18.71
CA GLU A 57 11.90 1.36 -20.09
C GLU A 57 12.60 2.67 -20.45
N LEU A 58 12.79 3.52 -19.46
CA LEU A 58 13.52 4.78 -19.64
C LEU A 58 15.01 4.51 -19.90
N SER A 59 15.61 3.65 -19.08
CA SER A 59 16.99 3.24 -19.28
C SER A 59 17.18 2.56 -20.63
N ASN A 60 16.20 1.74 -21.01
CA ASN A 60 16.21 1.07 -22.30
C ASN A 60 16.17 2.06 -23.47
N THR A 61 15.49 3.18 -23.25
CA THR A 61 15.35 4.20 -24.29
C THR A 61 16.59 5.07 -24.38
N PHE A 62 17.13 5.47 -23.23
CA PHE A 62 18.35 6.26 -23.18
C PHE A 62 19.51 5.50 -23.80
N GLY A 63 19.51 4.20 -23.64
CA GLY A 63 20.55 3.35 -24.21
C GLY A 63 20.55 3.40 -25.72
N ALA A 64 19.37 3.39 -26.32
CA ALA A 64 19.25 3.42 -27.78
C ALA A 64 19.55 4.80 -28.32
N ILE A 65 19.24 5.82 -27.54
CA ILE A 65 19.53 7.19 -27.93
C ILE A 65 21.02 7.45 -27.90
N SER A 66 21.68 7.03 -26.83
CA SER A 66 23.11 7.22 -26.65
C SER A 66 23.93 6.52 -27.74
N ALA A 67 23.52 5.30 -28.08
CA ALA A 67 24.21 4.53 -29.12
C ALA A 67 24.00 5.18 -30.49
N SER A 68 22.79 5.66 -30.73
CA SER A 68 22.46 6.33 -31.99
C SER A 68 23.28 7.61 -32.14
N ILE A 69 23.43 8.35 -31.05
CA ILE A 69 24.22 9.57 -31.04
C ILE A 69 25.70 9.24 -31.24
N GLY A 70 26.14 8.15 -30.63
CA GLY A 70 27.51 7.68 -30.80
C GLY A 70 27.83 7.33 -32.24
N ASP A 71 26.85 6.75 -32.93
CA ASP A 71 27.02 6.38 -34.33
C ASP A 71 27.00 7.59 -35.26
N ILE A 72 26.34 8.65 -34.80
CA ILE A 72 26.29 9.90 -35.56
C ILE A 72 27.63 10.63 -35.46
N ILE A 73 28.20 10.67 -34.26
CA ILE A 73 29.51 11.26 -34.04
C ILE A 73 30.60 10.56 -34.86
N GLN A 74 30.53 9.24 -34.92
CA GLN A 74 31.49 8.44 -35.67
C GLN A 74 31.38 8.68 -37.18
N ARG A 75 30.18 9.04 -37.63
CA ARG A 75 29.95 9.36 -39.04
C ARG A 75 30.40 10.79 -39.36
N LEU A 76 30.29 11.67 -38.37
CA LEU A 76 30.79 13.03 -38.52
C LEU A 76 32.31 13.04 -38.71
N ASP A 77 33.00 12.24 -37.88
CA ASP A 77 34.45 12.14 -37.93
C ASP A 77 34.96 11.64 -39.29
N VAL A 78 34.24 10.68 -39.87
CA VAL A 78 34.60 10.15 -41.18
C VAL A 78 34.47 11.23 -42.27
N LEU A 79 33.46 12.08 -42.13
CA LEU A 79 33.23 13.16 -43.09
C LEU A 79 34.16 14.34 -42.85
N GLU A 80 34.50 14.59 -41.58
CA GLU A 80 35.35 15.72 -41.22
C GLU A 80 36.83 15.51 -41.57
N GLN A 81 37.28 14.25 -41.53
CA GLN A 81 38.66 13.89 -41.89
C GLN A 81 39.71 14.66 -41.10
N SER A 82 39.41 14.92 -39.83
CA SER A 82 40.26 15.76 -39.00
C SER A 82 41.07 14.96 -37.98
N GLY A 83 41.16 13.65 -38.20
CA GLY A 83 41.91 12.78 -37.31
C GLY A 83 41.23 12.60 -35.97
N GLY A 84 39.90 12.75 -35.97
CA GLY A 84 39.11 12.61 -34.76
C GLY A 84 39.27 13.78 -33.82
N ARG A 85 39.35 14.99 -34.37
CA ARG A 85 39.53 16.19 -33.56
C ARG A 85 38.24 16.95 -33.28
N GLY A 86 37.11 16.42 -33.75
CA GLY A 86 35.82 17.02 -33.49
C GLY A 86 35.36 16.78 -32.06
N GLY A 87 34.07 16.97 -31.83
CA GLY A 87 33.50 16.73 -30.51
C GLY A 87 33.53 15.26 -30.14
N SER A 88 34.06 14.96 -28.96
CA SER A 88 34.11 13.60 -28.46
C SER A 88 32.70 13.09 -28.19
N ILE A 89 32.55 11.77 -28.11
CA ILE A 89 31.27 11.17 -27.75
C ILE A 89 30.97 11.38 -26.26
N PRO A 90 29.85 12.07 -25.96
CA PRO A 90 29.50 12.46 -24.59
C PRO A 90 29.08 11.28 -23.71
N ASN A 91 29.24 11.42 -22.40
CA ASN A 91 28.75 10.42 -21.45
C ASN A 91 27.41 10.87 -20.90
N PHE A 92 26.40 10.01 -21.02
CA PHE A 92 25.06 10.37 -20.58
C PHE A 92 24.69 9.71 -19.25
N GLY A 93 25.69 9.13 -18.59
CA GLY A 93 25.49 8.49 -17.30
C GLY A 93 24.43 7.42 -17.32
N SER A 94 23.82 7.17 -16.16
CA SER A 94 22.74 6.20 -16.06
C SER A 94 21.82 6.57 -14.90
N LEU A 95 20.56 6.17 -15.00
CA LEU A 95 19.61 6.39 -13.92
C LEU A 95 19.98 5.52 -12.73
N THR A 96 19.72 6.01 -11.52
CA THR A 96 19.91 5.21 -10.32
C THR A 96 18.82 4.15 -10.26
N GLN A 97 19.20 2.92 -9.92
CA GLN A 97 18.22 1.84 -9.83
C GLN A 97 17.17 2.21 -8.79
N ILE A 98 15.93 2.32 -9.23
CA ILE A 98 14.82 2.70 -8.36
C ILE A 98 14.64 1.71 -7.21
N ASN A 99 14.75 2.22 -5.99
CA ASN A 99 14.46 1.41 -4.81
C ASN A 99 13.03 1.69 -4.36
N THR A 100 12.11 0.79 -4.71
CA THR A 100 10.71 0.96 -4.32
C THR A 100 10.38 0.11 -3.11
N THR A 101 9.54 0.66 -2.23
CA THR A 101 9.07 -0.07 -1.06
C THR A 101 7.68 -0.65 -1.30
N LEU A 102 7.58 -1.98 -1.30
CA LEU A 102 6.29 -2.64 -1.44
C LEU A 102 5.61 -2.76 -0.09
N LEU A 103 4.30 -2.50 -0.08
CA LEU A 103 3.53 -2.51 1.16
C LEU A 103 2.99 -3.92 1.43
N ASP A 104 3.39 -4.50 2.56
CA ASP A 104 2.89 -5.81 2.96
C ASP A 104 2.21 -5.75 4.31
N LEU A 105 0.89 -5.54 4.29
CA LEU A 105 0.10 -5.41 5.50
C LEU A 105 -0.65 -6.68 5.84
N THR A 106 -0.13 -7.82 5.42
CA THR A 106 -0.79 -9.10 5.67
C THR A 106 -0.91 -9.47 7.15
N TYR A 107 0.14 -9.18 7.93
CA TYR A 107 0.05 -9.40 9.37
C TYR A 107 -1.01 -8.50 9.99
N GLU A 108 -0.95 -7.22 9.64
CA GLU A 108 -1.87 -6.24 10.21
C GLU A 108 -3.32 -6.52 9.82
N MET A 109 -3.53 -6.95 8.59
CA MET A 109 -4.89 -7.17 8.10
C MET A 109 -5.51 -8.45 8.67
N LEU A 110 -4.67 -9.44 8.97
CA LEU A 110 -5.16 -10.66 9.60
C LEU A 110 -5.45 -10.39 11.07
N SER A 111 -4.69 -9.45 11.64
CA SER A 111 -4.87 -9.07 13.04
C SER A 111 -6.21 -8.38 13.26
N LEU A 112 -6.55 -7.46 12.36
CA LEU A 112 -7.84 -6.76 12.42
C LEU A 112 -9.00 -7.73 12.19
N GLN A 113 -8.75 -8.76 11.39
CA GLN A 113 -9.73 -9.81 11.14
C GLN A 113 -10.01 -10.57 12.44
N GLN A 114 -8.97 -10.77 13.24
CA GLN A 114 -9.09 -11.48 14.51
C GLN A 114 -9.72 -10.61 15.59
N VAL A 115 -9.45 -9.30 15.53
CA VAL A 115 -10.02 -8.34 16.48
C VAL A 115 -11.53 -8.30 16.39
N VAL A 116 -12.05 -8.12 15.17
CA VAL A 116 -13.48 -8.18 14.92
C VAL A 116 -14.04 -9.50 15.45
N LYS A 117 -13.29 -10.58 15.26
CA LYS A 117 -13.72 -11.90 15.69
C LYS A 117 -13.76 -12.02 17.21
N ALA A 118 -12.80 -11.40 17.89
CA ALA A 118 -12.73 -11.46 19.34
C ALA A 118 -13.77 -10.55 19.98
N LEU A 119 -14.14 -9.50 19.25
CA LEU A 119 -15.22 -8.61 19.67
C LEU A 119 -16.55 -9.35 19.65
N ASN A 120 -16.69 -10.25 18.68
CA ASN A 120 -17.89 -11.05 18.54
C ASN A 120 -18.06 -12.03 19.70
N GLU A 121 -16.95 -12.43 20.31
CA GLU A 121 -16.98 -13.34 21.45
C GLU A 121 -17.30 -12.59 22.75
N SER A 122 -17.37 -11.26 22.65
CA SER A 122 -17.55 -10.43 23.83
C SER A 122 -19.00 -10.00 24.03
N TYR A 123 -19.86 -10.35 23.08
CA TYR A 123 -21.28 -10.02 23.17
C TYR A 123 -21.92 -10.61 24.42
N ILE A 124 -22.71 -9.80 25.11
CA ILE A 124 -23.46 -10.27 26.28
C ILE A 124 -24.78 -10.88 25.82
N ASP A 125 -24.90 -12.20 25.96
CA ASP A 125 -26.13 -12.89 25.62
C ASP A 125 -27.10 -12.71 26.77
N LEU A 126 -28.25 -12.11 26.48
CA LEU A 126 -29.26 -11.83 27.51
C LEU A 126 -29.76 -13.10 28.20
N LYS A 127 -29.53 -14.25 27.56
CA LYS A 127 -29.90 -15.53 28.13
C LYS A 127 -29.19 -15.79 29.46
N GLU A 128 -27.93 -15.39 29.56
CA GLU A 128 -27.14 -15.66 30.76
C GLU A 128 -27.44 -14.70 31.90
N LEU A 129 -28.28 -13.70 31.63
CA LEU A 129 -28.67 -12.74 32.66
C LEU A 129 -29.99 -13.19 33.31
N GLY A 130 -30.18 -12.84 34.58
CA GLY A 130 -31.37 -13.19 35.31
C GLY A 130 -31.69 -14.68 35.32
N ASN A 131 -30.64 -15.50 35.40
CA ASN A 131 -30.76 -16.96 35.33
C ASN A 131 -31.42 -17.44 34.05
#